data_1OND
#
_entry.id   1OND
#
_cell.length_a   170.250
_cell.length_b   411.090
_cell.length_c   695.340
_cell.angle_alpha   90.00
_cell.angle_beta   90.00
_cell.angle_gamma   90.00
#
_symmetry.space_group_name_H-M   'I 2 2 2'
#
loop_
_entity.id
_entity.type
_entity.pdbx_description
1 polymer '23S RIBOSOMAL RNA'
2 polymer '50S ribosomal protein L22'
3 polymer '50S ribosomal protein L32'
4 non-polymer TROLEANDOMYCIN
#
loop_
_entity_poly.entity_id
_entity_poly.type
_entity_poly.pdbx_seq_one_letter_code
_entity_poly.pdbx_strand_id
1 'polyribonucleotide'
;GGUCAAGAUAGUAAGGGUCCACGGUGGAUGCCCUGGCGCUGGAGCCGAUGAAGGACGCGAUUACCUGCGAAAAGCCCCGA
CGAGCUGGAGAUACGCUUUGACUCGGGGAUGUCCGAAUGGGGAAACCCACCUCGUAAGAGGUAUCCGCAAGGAUGGGAAC
UCAGGGAACUGAAACAUCUCAGUACCUGAAGGAGAAGAAAGAGAAUUCGAUUCCGUUAGUAGCGGCGAGCGAACCCGGAU
CAGCCCAAACCGAAACGCUUGCGUUUCGGGGUUGUAGGACCAGUUUUUAAGAUUCAACCCCUCAAGCCGAAGUGGCUGGA
AAGCUACACCUCAGAAGGUGAGAGUCCUGUAGGCGAACGAGCGGUUGACUGUACUGGCACCUGAGUAGGUCGUUGUUCGU
GAAACGAUGACUGAAUCCGCGCGGACCACCGCGCAAGGCUAAAUACUCCCAGUGACCGAUAGCGCAUAGUACCGUGAGGG
AAAGGUGAAAAGAACCCCGGGAGGGGAGUGAAAGAGAACCUGAAACCGUGGACUUACAAGCAGUCAUGGCACCUUAUGCG
UGUUAUGGCGUGCCUAUUGAAGCAUGAGCCGGCGACUUAGACCUGACGUGCGAGCUUAAGUUGAAAAACGGAGGCGGAGC
GAAAGCGAGUCCGAAUAGGGCGGCAUUAGUACGUCGGGCUAGACUCGAAACCAGGUGAGCUAAGCAUGACCAGGUUGAAA
CCCCCGUGACAGGGGGCGGAGGACCGAACCGGUGCCUGCUGAAACAGUCUCGGAUGAGUUGUGUUUAGGAGUGAAAAGCU
AACCGAACCUGGAGAUAGCUAGUUCUCCCCGAAAUGUAUUGAGGUACAGCCUCGGAUGUUGACCAUGUCCUGUAGAGCAC
UCACAAGGCUAGGGGGCCUACCAGCUUACCAAACCUUAUGAAACUCCGAAGGGGCACGCGUUUAGUCCGGGAGUGAGGCU
GCGAGAGCUAACUUCCGUAGCCGAGAGGGAAACAACCCAGACCAUCAGCUAAGGUCCCUAAAUGAUCGCUCAGUGGUUAA
GGAUGUGUCGUCGCAUAGACAGCCAGGAGGUUGGCUUAGAAGCAGCCACCCUUCAAAGAGUGCGUAAUAGCUCACUGGUC
GAGUGACGAUGCGCCGAAAAUGAUCGGGGCUCAAGUGAUCUACCGAAGCUAUGGAUUCAACUCGCGAAGCGAGUUGUCUG
GUAGGGGAGCGUUCAGUCCGCGGAGAAGCCAUACCGGAAGGAGUGGUGGAGCCGACUGAAGUGCGGAUGCCGGCAUGAGU
AACGAUAAAAGAAGUGAGAAUCUUCUUCGCCGUAAGGACAAGGGUUCCUGGGGAAGGGUCGUCCGCCCAGGGAAAGUCGG
GACCUAAGGUGAGGCCGAACGGCGCAGCCGAUGGACAGCAGGUCAAGAUUCCUGCACCGAUCAUGUGGAGUGAUGGAGGG
ACGCAUUACGCUAUCCAAUGCCAAGCUAUGGCUAUGCUGGUUGGUACGCUCAAGGGCGAUCGGGUCAGAAAAUCUACCGG
UCACAUGCCUCAGACGUAUCGGGAGCUUCCUCGGAAGCGAAGUUGGAAACGCGACGGUGCCAAGAAAAGCUUCUAAACGU
UGAAACAUGAUUGCCCGUACCGCAAACCGACACAGGUGUCCGAGUGUCAAUGCACUAAGGCGCGCGAGAGAACCCUCGUU
AAGGAACUUUGCAAUCUCACCCCGUAACUUCGGAAGAAGGGGUCCCCACGCUUCGCGUGGGGCGCAGUGAAUAGGCCCAG
GCGACUGUUUACCAAAAUCACAGCACUCUGCCAACACGAACAGUGGACGUAUAGGGUGUGACGCCUGCCCGGUGCCGGAA
GGUCAAGUGGAGCGGUGCAAGCUGCGAAAUGAAGCCCCGGUGAACGGCGGCCGUAACUAUAACGGUCCUAAGGUAGCGAA
AUUCCUUGUCGGGUAAGUUCCGACCUGCACGAAAGGCGUAACGAUCUGGGCGCUGUCUCAACGAGGGACUCGGUGAAAUU
GAAUUGGCUGUAAAGAUGCGGCCUACCCGUAGCAGGACGAAAAGACCCCGUGGAGCUUUACUAUAGUCUGGCAUUGGGAU
UCGGGUUUCUCUGCGUAGGAUAGGUGGGAGCCUGCGAAACUGGCCUUUUGGGGUCGGUGGAGGCAACGGUGAAAUACCAC
CCUGAGAAACUUGGAUUUCUAACCUGAAAAAUCACUUUCGGGGACCGUGCUUGGCGGGUAGUUUGACUGGGGCGGUCGCC
UCCCAAAAUGUAACGGAGGCGCCCAAAGGUCACCUCAAGACGGUUGGAAAUCGUCUGUAGAGCGCAAAGGUAGAAGGUGG
CUUGACUGCGAGACUGACACGUCGAGCAGGGAGGAAACUCGGGCUUAGUGAACCGGUGGUACCGUGUGGAAGGGCCAUCG
AUCAACGGAUAAAAGUUACCCCGGGGAUAACAGGCUGAUCUCCCCCGAGAGUCCAUAUCGGCGGGGAGGUUUGGCACCUC
GAUGUCGGCUCGUCGCAUCCUGGGGCUGAAGAAGGUCCCAAGGGUUGGGCUGUUCGCCCAUUAAAGCGGCACGCGAGCUG
GGUUCAGAACGUCGUGAGACAGUUCGGUCUCUAUCCGCUACGGGCGCAGGAGAAUUGAGGGGAGUUGCUCCUAGUACGAG
AGGACCGGAGUGAACGGACCGCUGGUCUCCCUGCUGUCGUACCAACGGCACAUGCAGGGUAGCUAUGUCCGGAACGGAUA
ACCGCUGAAAGCAUCUAAGCGGGAAGCCAGCCCCAAGAUGAGUUCUCCCACUGUUUAUCAGGUAAGACUCCCGGAAGACC
ACCGGGUUAAGAGGCCAGGCGUGCACGCAUAGCAAUGUGUUCAGCGGACUGGUGCUCAUCAGUCGAGGUCUUGACCACUC
;
0
2 'polypeptide(L)'
;MTAPEQTFRNKKQRKQQVKLRKPGFAVAKYVRMSPRKVRLVVDVIRGKSVQDAEDLLRFIPRSASEPVAKVLNSAKANAL
HNDEMLEDRLFVKEAYVDAGPTLKRLIPRARGSANIIKKRTSHITIIVAEKGNK
;
Q
3 'polypeptide(L)' MAKHPVPKKKTSKSKRDMRRSHHALTAPNLTECPQCHGKKLSHHICPNCGYYDGRQVLAV Z
#
# COMPACT_ATOMS: atom_id res chain seq x y z
CA GLU B 5 25.44 -6.35 25.33
CA GLN B 6 22.07 -5.37 26.80
CA THR B 7 22.25 -8.74 28.62
CA PHE B 8 19.37 -9.16 31.10
CA ARG B 9 18.17 -11.48 33.87
CA ASN B 10 15.19 -13.65 33.04
CA LYS B 11 12.78 -14.48 30.19
CA LYS B 12 10.98 -11.70 31.99
CA GLN B 13 13.04 -8.85 33.51
CA ARG B 14 14.21 -7.46 30.15
CA LYS B 15 10.49 -7.26 29.46
CA GLN B 16 9.88 -4.80 32.32
CA GLN B 17 13.05 -3.02 31.22
CA VAL B 18 12.82 -2.36 27.44
CA LYS B 19 9.11 -1.69 26.59
CA LEU B 20 9.82 -3.49 23.27
CA ARG B 21 7.99 -1.21 20.85
CA LYS B 22 8.64 -1.02 17.06
CA PRO B 23 8.29 2.37 15.47
CA GLY B 24 7.88 3.55 11.92
CA PHE B 25 5.12 1.01 11.30
CA ALA B 26 1.59 2.24 10.72
CA VAL B 27 -0.71 -0.66 10.04
CA ALA B 28 -4.25 -0.53 8.76
CA LYS B 29 -6.62 -3.87 9.52
CA TYR B 30 -10.26 -4.33 8.65
CA VAL B 31 -10.26 -2.44 5.29
CA ARG B 32 -13.06 -4.07 3.18
CA MET B 33 -10.95 -3.88 -0.23
CA SER B 34 -9.64 -7.03 -1.67
CA PRO B 35 -6.01 -8.44 -1.12
CA ARG B 36 -4.12 -9.01 -4.43
CA LYS B 37 -5.32 -5.76 -5.58
CA VAL B 38 -4.72 -3.30 -2.76
CA ARG B 39 -1.25 -4.55 -3.48
CA LEU B 40 -0.43 -3.86 -7.09
CA VAL B 41 -0.99 -0.26 -6.01
CA VAL B 42 0.85 -0.57 -2.65
CA ASP B 43 3.81 -1.71 -4.73
CA VAL B 44 4.84 1.09 -7.12
CA ILE B 45 5.20 3.14 -3.90
CA ARG B 46 7.50 1.00 -1.74
CA GLY B 47 11.17 1.84 -2.25
CA LYS B 48 11.58 5.60 -2.86
CA SER B 49 11.49 9.13 -1.35
CA VAL B 50 8.78 8.76 1.30
CA GLN B 51 7.30 11.57 -0.75
CA ASP B 52 7.61 10.00 -4.20
CA ALA B 53 4.94 7.55 -3.17
CA GLU B 54 2.71 10.20 -1.65
CA ASP B 55 2.69 11.39 -5.26
CA LEU B 56 3.08 8.33 -7.47
CA LEU B 57 -0.05 7.78 -5.39
CA ARG B 58 -2.07 10.58 -7.12
CA PHE B 59 -1.88 9.13 -10.63
CA ILE B 60 -1.79 5.38 -9.94
CA PRO B 61 -5.53 5.23 -10.83
CA ARG B 62 -6.69 2.32 -8.64
CA SER B 63 -9.45 2.90 -6.05
CA ALA B 64 -7.22 1.47 -3.34
CA SER B 65 -4.48 3.94 -4.06
CA GLU B 66 -6.46 5.71 -1.36
CA PRO B 67 -6.64 3.75 1.87
CA VAL B 68 -3.31 2.26 0.75
CA ALA B 69 -1.68 5.62 1.15
CA LYS B 70 -3.66 7.41 3.84
CA VAL B 71 -1.55 5.08 5.90
CA LEU B 72 1.55 5.41 3.73
CA ASN B 73 1.93 8.92 5.07
CA SER B 74 0.36 8.18 8.44
CA ALA B 75 3.86 6.80 8.97
CA LYS B 76 5.99 9.72 7.86
CA ALA B 77 3.41 11.42 10.03
CA ASN B 78 3.42 9.09 13.06
CA ALA B 79 7.15 8.76 12.44
CA LEU B 80 8.15 12.42 12.22
CA HIS B 81 6.88 12.89 15.78
CA ASN B 82 6.47 9.68 17.77
CA ASP B 83 10.07 8.42 16.97
CA GLU B 84 11.24 11.74 15.42
CA MET B 85 13.50 11.92 12.37
CA LEU B 86 14.22 14.44 9.58
CA GLU B 87 11.23 13.81 7.31
CA ASP B 88 13.18 15.43 4.44
CA ARG B 89 14.81 12.01 4.08
CA LEU B 90 12.04 9.73 5.36
CA PHE B 91 11.83 6.93 2.79
CA VAL B 92 9.86 3.63 2.47
CA LYS B 93 12.08 0.71 3.45
CA GLU B 94 9.26 -1.75 3.92
CA ALA B 95 5.56 -1.73 2.94
CA TYR B 96 3.20 -4.62 2.19
CA VAL B 97 -0.44 -5.66 2.56
CA ASP B 98 -1.62 -8.90 4.26
CA ALA B 99 -4.88 -10.80 4.82
CA GLY B 100 -7.97 -9.99 6.81
CA PRO B 101 -11.20 -11.34 8.23
CA THR B 102 -12.68 -12.49 4.89
CA LEU B 103 -16.37 -11.44 4.93
CA LYS B 104 -18.35 -13.61 2.37
CA ARG B 105 -22.18 -14.11 1.85
CA LEU B 106 -24.79 -16.44 0.03
CA ILE B 107 -25.63 -20.09 1.28
CA PRO B 108 -23.83 -23.42 2.47
CA ARG B 109 -25.01 -27.11 2.55
CA ALA B 110 -28.46 -28.88 3.22
CA ARG B 111 -29.09 -30.42 -0.34
CA GLY B 112 -27.89 -28.51 -3.55
CA SER B 113 -27.78 -24.81 -5.04
CA ALA B 114 -25.96 -21.33 -4.18
CA ASN B 115 -22.30 -20.23 -4.39
CA ILE B 116 -20.48 -18.18 -1.66
CA ILE B 117 -19.28 -14.62 -2.45
CA LYS B 118 -15.92 -14.10 -0.76
CA LYS B 119 -15.06 -10.43 -0.13
CA ARG B 120 -11.52 -10.07 1.06
CA THR B 121 -10.47 -7.69 3.85
CA SER B 122 -6.80 -6.82 3.47
CA HIS B 123 -4.65 -5.21 6.24
CA ILE B 124 -2.06 -3.01 4.52
CA THR B 125 0.96 -1.71 6.42
CA ILE B 126 4.00 0.44 5.60
CA ILE B 127 7.10 1.12 7.67
CA VAL B 128 8.83 4.42 7.05
CA ALA B 129 12.26 4.60 7.58
CA GLU B 130 15.14 7.01 7.26
CA LYS B 131 17.15 5.58 4.38
CA GLY B 132 20.72 6.73 3.74
CA ASN B 133 23.50 4.74 2.08
CA LYS B 134 25.69 5.91 5.01
CA ALA C 2 -23.15 -29.57 -16.47
CA LYS C 3 -20.28 -27.10 -16.19
CA HIS C 4 -18.89 -28.85 -19.27
CA PRO C 5 -15.45 -27.67 -20.16
CA VAL C 6 -13.67 -27.51 -16.77
CA PRO C 7 -10.10 -26.86 -15.57
CA LYS C 8 -8.81 -30.22 -14.31
CA LYS C 9 -5.90 -30.71 -11.81
CA LYS C 10 -5.77 -27.61 -9.55
CA THR C 11 -3.33 -25.64 -11.75
CA SER C 12 -1.37 -23.75 -9.11
CA LYS C 13 2.03 -23.01 -7.50
CA SER C 14 4.81 -21.69 -9.71
CA LYS C 15 1.98 -21.03 -12.11
CA ARG C 16 -0.60 -18.74 -10.61
CA ASP C 17 2.47 -16.72 -9.76
CA MET C 18 4.30 -17.56 -13.01
CA ARG C 19 1.30 -15.88 -14.58
CA ARG C 20 1.40 -12.23 -13.53
CA SER C 21 5.00 -12.44 -14.54
CA HIS C 22 3.44 -9.81 -16.78
CA HIS C 23 0.68 -8.20 -14.62
CA ALA C 24 2.59 -5.44 -12.69
CA LEU C 25 1.00 -1.94 -12.33
CA THR C 26 2.88 0.57 -14.51
CA ALA C 27 2.99 3.80 -12.47
CA PRO C 28 2.43 7.17 -14.09
CA ASN C 29 5.55 9.20 -15.10
CA LEU C 30 4.61 12.41 -13.24
CA THR C 31 6.18 15.86 -13.96
CA GLU C 32 6.48 19.35 -12.35
CA CYS C 33 3.84 22.17 -12.79
CA PRO C 34 6.72 24.15 -14.27
CA GLN C 35 5.81 27.31 -12.32
CA CYS C 36 4.43 25.40 -9.33
CA HIS C 37 5.75 22.62 -7.04
CA GLY C 38 4.96 19.66 -9.36
CA LYS C 39 2.88 16.52 -10.08
CA LYS C 40 0.93 17.46 -13.26
CA LEU C 41 0.49 14.49 -15.59
CA SER C 42 2.26 15.65 -18.77
CA HIS C 43 -0.76 16.87 -20.74
CA HIS C 44 -3.22 17.75 -17.99
CA ILE C 45 -4.18 21.00 -16.14
CA CYS C 46 -2.27 20.28 -12.87
CA PRO C 47 -3.76 21.28 -9.51
CA ASN C 48 -0.41 23.08 -9.40
CA CYS C 49 -2.92 25.90 -8.92
CA GLY C 50 -4.80 24.85 -12.06
CA TYR C 51 -2.66 26.00 -15.00
CA TYR C 52 -1.86 24.24 -18.32
CA ASP C 53 0.07 27.34 -19.42
CA GLY C 54 -1.52 30.58 -18.16
CA ARG C 55 -3.80 29.06 -15.55
CA GLN C 56 -6.99 27.29 -16.67
CA VAL C 57 -8.67 24.75 -14.34
CA LEU C 58 -10.46 26.65 -11.57
CA ALA C 59 -9.27 25.49 -8.09
#